data_8CNN
#
_entry.id   8CNN
#
_cell.length_a   87.770
_cell.length_b   87.770
_cell.length_c   132.381
_cell.angle_alpha   90.00
_cell.angle_beta   90.00
_cell.angle_gamma   120.00
#
_symmetry.space_group_name_H-M   'H 3 2'
#
loop_
_entity.id
_entity.type
_entity.pdbx_description
1 polymer 'GTPase HRas'
2 non-polymer DI(HYDROXYETHYL)ETHER
3 non-polymer 'ACETATE ION'
4 non-polymer "GUANOSINE-5'-DIPHOSPHATE"
5 non-polymer 'BERYLLIUM TRIFLUORIDE ION'
6 non-polymer 'MAGNESIUM ION'
7 non-polymer 'SULFATE ION'
8 water water
#
_entity_poly.entity_id   1
_entity_poly.type   'polypeptide(L)'
_entity_poly.pdbx_seq_one_letter_code
;MTEYKLVVVGAGGVGKSALTIQLIQNHFVDEYDPTIEDSYRKQVVIDGETCLLDILDTAGQEE(PTR)SAMRDQYMRTGE
GFLCVFAINNTKSFEDIHQYREQIKRVKDSDDVPMVLVGNKCDLAARTVESRQAQDLARSYGIPYIETSAKTRQGVEDAF
YTLVREIRQH
;
_entity_poly.pdbx_strand_id   A
#
loop_
_chem_comp.id
_chem_comp.type
_chem_comp.name
_chem_comp.formula
ACT non-polymer 'ACETATE ION' 'C2 H3 O2 -1'
BEF non-polymer 'BERYLLIUM TRIFLUORIDE ION' 'Be F3 -1'
GDP RNA linking GUANOSINE-5'-DIPHOSPHATE 'C10 H15 N5 O11 P2'
MG non-polymer 'MAGNESIUM ION' 'Mg 2'
PEG non-polymer DI(HYDROXYETHYL)ETHER 'C4 H10 O3'
SO4 non-polymer 'SULFATE ION' 'O4 S -2'
#
# COMPACT_ATOMS: atom_id res chain seq x y z
N MET A 1 -17.66 -15.36 6.15
CA MET A 1 -16.56 -14.84 5.31
C MET A 1 -16.63 -13.31 5.25
N THR A 2 -15.58 -12.71 5.80
CA THR A 2 -15.46 -11.29 5.94
C THR A 2 -14.74 -10.74 4.72
N GLU A 3 -15.17 -9.60 4.23
N GLU A 3 -15.18 -9.58 4.26
CA GLU A 3 -14.47 -8.93 3.16
CA GLU A 3 -14.52 -8.88 3.19
C GLU A 3 -13.70 -7.72 3.70
C GLU A 3 -13.68 -7.72 3.76
N TYR A 4 -12.46 -7.55 3.23
CA TYR A 4 -11.60 -6.40 3.58
C TYR A 4 -11.28 -5.67 2.30
N LYS A 5 -11.52 -4.36 2.27
CA LYS A 5 -11.32 -3.55 1.09
C LYS A 5 -10.05 -2.73 1.28
N LEU A 6 -8.96 -3.14 0.60
CA LEU A 6 -7.64 -2.52 0.77
C LEU A 6 -7.36 -1.64 -0.45
N VAL A 7 -6.70 -0.50 -0.26
CA VAL A 7 -6.37 0.38 -1.35
C VAL A 7 -4.88 0.67 -1.26
N VAL A 8 -4.18 0.55 -2.36
CA VAL A 8 -2.74 0.74 -2.40
C VAL A 8 -2.49 2.06 -3.11
N VAL A 9 -1.85 3.03 -2.41
CA VAL A 9 -1.59 4.35 -2.93
C VAL A 9 -0.12 4.73 -2.75
N GLY A 10 0.30 5.73 -3.53
CA GLY A 10 1.68 6.15 -3.56
C GLY A 10 2.11 6.64 -4.93
N ALA A 11 3.28 7.26 -4.98
CA ALA A 11 3.76 7.88 -6.22
C ALA A 11 3.91 6.86 -7.32
N GLY A 12 3.92 7.37 -8.55
CA GLY A 12 4.19 6.52 -9.69
C GLY A 12 5.53 5.82 -9.55
N GLY A 13 5.53 4.51 -9.90
CA GLY A 13 6.75 3.74 -9.98
C GLY A 13 7.29 3.19 -8.69
N VAL A 14 6.59 3.37 -7.57
CA VAL A 14 7.14 2.90 -6.29
C VAL A 14 6.97 1.40 -6.07
N GLY A 15 6.10 0.74 -6.87
CA GLY A 15 5.90 -0.69 -6.76
C GLY A 15 4.57 -1.13 -6.19
N LYS A 16 3.54 -0.28 -6.30
CA LYS A 16 2.21 -0.68 -5.85
C LYS A 16 1.74 -1.93 -6.59
N SER A 17 1.78 -1.91 -7.92
CA SER A 17 1.34 -3.02 -8.72
C SER A 17 2.18 -4.26 -8.52
N ALA A 18 3.52 -4.09 -8.52
CA ALA A 18 4.39 -5.22 -8.26
C ALA A 18 4.10 -5.88 -6.93
N LEU A 19 3.83 -5.08 -5.89
CA LEU A 19 3.53 -5.63 -4.58
C LEU A 19 2.27 -6.44 -4.63
N THR A 20 1.24 -5.80 -5.20
CA THR A 20 -0.08 -6.44 -5.24
C THR A 20 -0.02 -7.73 -6.05
N ILE A 21 0.65 -7.68 -7.19
CA ILE A 21 0.73 -8.85 -8.07
C ILE A 21 1.59 -9.95 -7.42
N GLN A 22 2.65 -9.58 -6.70
CA GLN A 22 3.43 -10.60 -6.01
C GLN A 22 2.53 -11.30 -4.99
N LEU A 23 1.81 -10.53 -4.17
CA LEU A 23 0.89 -11.10 -3.19
C LEU A 23 -0.12 -12.05 -3.85
N ILE A 24 -0.81 -11.56 -4.88
CA ILE A 24 -1.97 -12.27 -5.39
C ILE A 24 -1.56 -13.39 -6.34
N GLN A 25 -0.53 -13.10 -7.17
CA GLN A 25 -0.21 -13.94 -8.31
C GLN A 25 1.17 -14.60 -8.25
N ASN A 26 1.95 -14.33 -7.22
CA ASN A 26 3.20 -15.04 -6.93
C ASN A 26 4.25 -14.91 -8.03
N HIS A 27 4.34 -13.76 -8.71
CA HIS A 27 5.43 -13.44 -9.60
C HIS A 27 5.78 -11.95 -9.50
N PHE A 28 6.99 -11.60 -9.96
CA PHE A 28 7.51 -10.25 -9.93
C PHE A 28 7.39 -9.62 -11.32
N VAL A 29 6.68 -8.50 -11.38
CA VAL A 29 6.55 -7.70 -12.58
C VAL A 29 7.78 -6.79 -12.68
N ASP A 30 8.64 -7.10 -13.65
CA ASP A 30 9.90 -6.40 -13.90
CA ASP A 30 9.90 -6.39 -13.88
C ASP A 30 9.71 -5.13 -14.71
N GLU A 31 8.77 -5.13 -15.64
CA GLU A 31 8.51 -3.96 -16.49
C GLU A 31 7.68 -2.93 -15.78
N TYR A 32 7.69 -1.69 -16.30
CA TYR A 32 6.89 -0.63 -15.73
C TYR A 32 5.78 -0.23 -16.68
N ASP A 33 4.56 -0.59 -16.28
CA ASP A 33 3.35 -0.21 -17.02
C ASP A 33 2.45 0.56 -16.06
N PRO A 34 2.36 1.88 -16.21
CA PRO A 34 1.53 2.69 -15.34
C PRO A 34 0.07 2.22 -15.23
N THR A 35 -0.43 2.22 -14.01
CA THR A 35 -1.80 1.75 -13.73
C THR A 35 -2.80 2.90 -13.76
N ILE A 36 -4.02 2.62 -14.19
CA ILE A 36 -5.10 3.63 -14.02
C ILE A 36 -5.78 3.21 -12.71
N GLU A 37 -6.69 2.23 -12.75
CA GLU A 37 -7.33 1.68 -11.54
C GLU A 37 -7.63 0.20 -11.76
N ASP A 38 -6.96 -0.69 -11.04
CA ASP A 38 -7.17 -2.12 -11.13
C ASP A 38 -7.60 -2.70 -9.80
N SER A 39 -8.37 -3.77 -9.84
CA SER A 39 -8.86 -4.47 -8.67
CA SER A 39 -8.74 -4.45 -8.62
C SER A 39 -8.44 -5.93 -8.73
N TYR A 40 -8.15 -6.51 -7.57
CA TYR A 40 -7.80 -7.90 -7.40
C TYR A 40 -8.62 -8.42 -6.24
N ARG A 41 -9.09 -9.65 -6.32
CA ARG A 41 -9.83 -10.25 -5.24
C ARG A 41 -9.27 -11.62 -5.00
N LYS A 42 -9.06 -11.97 -3.74
CA LYS A 42 -8.67 -13.32 -3.44
C LYS A 42 -9.16 -13.74 -2.05
N GLN A 43 -9.57 -15.00 -1.97
CA GLN A 43 -10.01 -15.59 -0.71
C GLN A 43 -8.79 -16.17 -0.05
N VAL A 44 -8.57 -15.79 1.21
CA VAL A 44 -7.34 -16.14 1.90
C VAL A 44 -7.72 -16.35 3.36
N VAL A 45 -6.95 -17.16 4.08
CA VAL A 45 -7.16 -17.30 5.50
C VAL A 45 -6.12 -16.42 6.23
N ILE A 46 -6.60 -15.46 7.04
CA ILE A 46 -5.70 -14.54 7.74
C ILE A 46 -6.02 -14.67 9.22
N ASP A 47 -5.04 -15.20 9.97
CA ASP A 47 -5.23 -15.39 11.40
C ASP A 47 -6.46 -16.23 11.70
N GLY A 48 -6.63 -17.28 10.89
CA GLY A 48 -7.68 -18.26 11.11
C GLY A 48 -9.04 -17.83 10.57
N GLU A 49 -9.15 -16.60 10.05
CA GLU A 49 -10.40 -16.13 9.50
C GLU A 49 -10.36 -16.19 7.97
N THR A 50 -11.38 -16.85 7.38
CA THR A 50 -11.50 -16.92 5.95
C THR A 50 -12.01 -15.57 5.50
N CYS A 51 -11.25 -14.89 4.66
CA CYS A 51 -11.80 -13.66 4.19
C CYS A 51 -11.49 -13.40 2.74
N LEU A 52 -12.21 -12.39 2.27
CA LEU A 52 -12.11 -12.02 0.88
C LEU A 52 -11.38 -10.69 0.87
N LEU A 53 -10.19 -10.71 0.27
CA LEU A 53 -9.45 -9.46 0.10
C LEU A 53 -9.82 -8.86 -1.23
N ASP A 54 -10.26 -7.62 -1.21
CA ASP A 54 -10.51 -6.83 -2.39
C ASP A 54 -9.49 -5.70 -2.41
N ILE A 55 -8.52 -5.79 -3.32
CA ILE A 55 -7.42 -4.84 -3.31
C ILE A 55 -7.53 -3.94 -4.53
N LEU A 56 -7.58 -2.63 -4.28
CA LEU A 56 -7.57 -1.62 -5.34
C LEU A 56 -6.15 -1.08 -5.51
N ASP A 57 -5.63 -1.29 -6.71
CA ASP A 57 -4.32 -0.81 -7.09
C ASP A 57 -4.50 0.48 -7.89
N THR A 58 -4.09 1.60 -7.30
CA THR A 58 -4.40 2.93 -7.87
C THR A 58 -3.30 3.54 -8.72
N ALA A 59 -3.63 4.61 -9.41
CA ALA A 59 -2.64 5.34 -10.22
C ALA A 59 -1.79 6.27 -9.36
N GLY A 60 -0.48 6.24 -9.55
CA GLY A 60 0.40 7.21 -8.89
C GLY A 60 0.85 8.28 -9.88
N GLN A 61 0.72 7.99 -11.18
CA GLN A 61 1.04 9.00 -12.22
C GLN A 61 -0.13 9.99 -12.34
N GLU A 62 0.15 11.28 -12.19
CA GLU A 62 -0.91 12.30 -12.22
C GLU A 62 -1.77 12.18 -13.48
N GLU A 63 -1.16 11.85 -14.62
CA GLU A 63 -1.87 11.77 -15.93
C GLU A 63 -2.85 10.60 -15.96
N PTR A 64 -2.66 9.60 -15.11
CA PTR A 64 -3.52 8.40 -15.07
C PTR A 64 -4.42 8.46 -13.84
O PTR A 64 -5.16 7.48 -13.65
CB PTR A 64 -2.65 7.14 -14.99
CG PTR A 64 -1.86 6.76 -16.21
CD1 PTR A 64 -2.14 5.58 -16.88
CD2 PTR A 64 -0.78 7.50 -16.65
CE1 PTR A 64 -1.43 5.18 -17.99
CE2 PTR A 64 -0.04 7.13 -17.75
CZ PTR A 64 -0.38 5.96 -18.42
OH PTR A 64 0.38 5.58 -19.53
P PTR A 64 -0.17 4.79 -20.79
O1P PTR A 64 -0.51 3.37 -20.44
O2P PTR A 64 -1.40 5.49 -21.30
O3P PTR A 64 0.91 4.83 -21.83
N SER A 65 -4.41 9.56 -13.09
CA SER A 65 -5.10 9.64 -11.77
C SER A 65 -6.54 10.13 -11.78
N ALA A 66 -7.14 10.27 -12.95
CA ALA A 66 -8.56 10.67 -13.02
C ALA A 66 -9.42 9.70 -12.21
N MET A 67 -10.32 10.25 -11.40
CA MET A 67 -11.27 9.44 -10.59
C MET A 67 -10.57 8.64 -9.48
N ARG A 68 -9.26 8.80 -9.31
CA ARG A 68 -8.61 8.06 -8.22
C ARG A 68 -9.30 8.31 -6.88
N ASP A 69 -9.66 9.59 -6.61
CA ASP A 69 -10.30 9.93 -5.35
C ASP A 69 -11.61 9.16 -5.17
N GLN A 70 -12.42 8.98 -6.23
CA GLN A 70 -13.70 8.29 -6.05
C GLN A 70 -13.46 6.80 -5.86
N TYR A 71 -12.43 6.25 -6.53
CA TYR A 71 -12.10 4.86 -6.27
C TYR A 71 -11.65 4.66 -4.82
N MET A 72 -10.83 5.60 -4.30
CA MET A 72 -10.20 5.48 -3.00
C MET A 72 -11.28 5.51 -1.92
N ARG A 73 -12.42 6.16 -2.19
CA ARG A 73 -13.39 6.45 -1.15
C ARG A 73 -13.99 5.20 -0.50
N THR A 74 -14.02 4.13 -1.27
CA THR A 74 -14.63 2.86 -0.92
C THR A 74 -13.75 2.13 0.11
N GLY A 75 -12.47 2.52 0.21
CA GLY A 75 -11.53 1.66 0.90
C GLY A 75 -11.73 1.68 2.41
N GLU A 76 -11.40 0.56 3.03
CA GLU A 76 -11.44 0.40 4.47
CA GLU A 76 -11.44 0.41 4.46
C GLU A 76 -10.06 0.61 5.10
N GLY A 77 -9.01 0.29 4.33
CA GLY A 77 -7.67 0.55 4.80
C GLY A 77 -6.75 0.85 3.64
N PHE A 78 -5.64 1.52 3.91
CA PHE A 78 -4.73 2.02 2.87
C PHE A 78 -3.30 1.58 3.15
N LEU A 79 -2.69 1.01 2.11
CA LEU A 79 -1.26 0.74 2.08
C LEU A 79 -0.64 1.97 1.44
N CYS A 80 0.12 2.73 2.22
CA CYS A 80 0.74 3.94 1.74
C CYS A 80 2.19 3.57 1.39
N VAL A 81 2.47 3.50 0.07
CA VAL A 81 3.74 2.95 -0.41
C VAL A 81 4.65 4.06 -0.92
N PHE A 82 5.90 3.99 -0.46
CA PHE A 82 6.98 4.75 -1.09
C PHE A 82 8.08 3.76 -1.41
N ALA A 83 9.10 4.19 -2.17
CA ALA A 83 10.27 3.39 -2.44
C ALA A 83 11.48 3.95 -1.66
N ILE A 84 12.29 3.04 -1.11
CA ILE A 84 13.39 3.43 -0.23
C ILE A 84 14.52 4.10 -1.02
N ASN A 85 14.46 3.97 -2.35
CA ASN A 85 15.40 4.63 -3.24
C ASN A 85 14.76 5.84 -3.93
N ASN A 86 13.70 6.42 -3.36
CA ASN A 86 13.00 7.54 -3.99
C ASN A 86 12.51 8.48 -2.93
N THR A 87 13.38 9.44 -2.59
CA THR A 87 13.09 10.34 -1.52
C THR A 87 11.81 11.12 -1.80
N LYS A 88 11.55 11.56 -3.03
CA LYS A 88 10.36 12.31 -3.26
C LYS A 88 9.10 11.48 -2.99
N SER A 89 9.14 10.18 -3.28
CA SER A 89 7.98 9.31 -3.02
C SER A 89 7.66 9.26 -1.54
N PHE A 90 8.70 9.30 -0.69
CA PHE A 90 8.48 9.36 0.74
C PHE A 90 7.89 10.71 1.16
N GLU A 91 8.42 11.78 0.58
CA GLU A 91 7.94 13.12 0.90
C GLU A 91 6.46 13.22 0.49
N ASP A 92 6.07 12.54 -0.58
CA ASP A 92 4.70 12.56 -1.09
C ASP A 92 3.69 11.89 -0.14
N ILE A 93 4.18 11.07 0.81
CA ILE A 93 3.25 10.34 1.68
C ILE A 93 2.33 11.28 2.44
N HIS A 94 2.86 12.44 2.89
CA HIS A 94 2.04 13.40 3.61
C HIS A 94 0.79 13.75 2.78
N GLN A 95 0.94 14.11 1.51
CA GLN A 95 -0.21 14.48 0.71
C GLN A 95 -1.12 13.27 0.39
N TYR A 96 -0.57 12.06 0.25
CA TYR A 96 -1.42 10.89 0.18
C TYR A 96 -2.24 10.70 1.43
N ARG A 97 -1.66 10.87 2.63
CA ARG A 97 -2.42 10.76 3.85
C ARG A 97 -3.53 11.82 3.92
N GLU A 98 -3.21 13.05 3.52
CA GLU A 98 -4.22 14.11 3.48
C GLU A 98 -5.34 13.77 2.51
N GLN A 99 -5.01 13.18 1.36
CA GLN A 99 -6.03 12.77 0.40
C GLN A 99 -6.89 11.66 0.99
N ILE A 100 -6.30 10.71 1.68
CA ILE A 100 -7.04 9.66 2.33
C ILE A 100 -8.03 10.24 3.34
N LYS A 101 -7.57 11.19 4.14
CA LYS A 101 -8.43 11.81 5.16
C LYS A 101 -9.62 12.45 4.43
N ARG A 102 -9.36 13.09 3.30
CA ARG A 102 -10.43 13.77 2.55
C ARG A 102 -11.44 12.81 1.94
N VAL A 103 -10.96 11.73 1.31
CA VAL A 103 -11.84 10.79 0.63
C VAL A 103 -12.70 10.04 1.64
N LYS A 104 -12.22 9.85 2.86
CA LYS A 104 -12.93 9.12 3.89
C LYS A 104 -13.68 10.07 4.83
N ASP A 105 -13.39 11.35 4.70
CA ASP A 105 -13.88 12.36 5.63
C ASP A 105 -13.66 11.91 7.07
N SER A 106 -12.42 11.51 7.40
CA SER A 106 -12.07 10.97 8.68
C SER A 106 -10.60 11.21 8.97
N ASP A 107 -10.25 11.40 10.25
CA ASP A 107 -8.85 11.42 10.62
C ASP A 107 -8.44 10.11 11.33
N ASP A 108 -9.29 9.08 11.28
CA ASP A 108 -8.99 7.80 11.92
C ASP A 108 -9.22 6.70 10.88
N VAL A 109 -8.26 6.56 9.97
CA VAL A 109 -8.39 5.63 8.85
C VAL A 109 -7.29 4.57 8.98
N PRO A 110 -7.60 3.25 8.92
CA PRO A 110 -6.55 2.22 8.96
C PRO A 110 -5.54 2.43 7.84
N MET A 111 -4.25 2.40 8.23
CA MET A 111 -3.20 2.61 7.23
C MET A 111 -1.95 1.86 7.69
N VAL A 112 -1.09 1.53 6.74
CA VAL A 112 0.25 0.98 6.97
C VAL A 112 1.19 1.74 6.05
N LEU A 113 2.36 2.16 6.57
CA LEU A 113 3.41 2.78 5.76
C LEU A 113 4.33 1.68 5.26
N VAL A 114 4.54 1.63 3.93
CA VAL A 114 5.33 0.60 3.28
C VAL A 114 6.50 1.23 2.53
N GLY A 115 7.72 0.83 2.91
CA GLY A 115 8.91 1.22 2.14
C GLY A 115 9.37 0.06 1.27
N ASN A 116 9.08 0.19 -0.02
CA ASN A 116 9.29 -0.85 -1.00
C ASN A 116 10.67 -0.74 -1.66
N LYS A 117 11.03 -1.78 -2.41
CA LYS A 117 12.32 -1.93 -3.10
C LYS A 117 13.48 -2.11 -2.13
N CYS A 118 13.25 -2.84 -1.04
CA CYS A 118 14.27 -2.95 0.00
C CYS A 118 15.38 -3.93 -0.43
N ASP A 119 15.21 -4.61 -1.55
CA ASP A 119 16.27 -5.40 -2.16
C ASP A 119 17.36 -4.52 -2.82
N LEU A 120 17.05 -3.25 -3.10
CA LEU A 120 17.98 -2.33 -3.77
C LEU A 120 18.85 -1.61 -2.75
N ALA A 121 20.08 -1.25 -3.14
CA ALA A 121 21.02 -0.68 -2.17
C ALA A 121 21.18 0.82 -2.34
N ALA A 122 20.44 1.43 -3.27
CA ALA A 122 20.47 2.88 -3.42
C ALA A 122 19.50 3.57 -2.47
N ARG A 123 19.61 3.22 -1.20
CA ARG A 123 18.73 3.75 -0.18
C ARG A 123 18.99 5.23 0.04
N THR A 124 17.93 6.02 -0.06
CA THR A 124 17.94 7.41 0.33
C THR A 124 16.94 7.73 1.44
N VAL A 125 16.07 6.79 1.82
CA VAL A 125 15.24 6.94 3.00
C VAL A 125 15.70 5.88 4.02
N GLU A 126 16.22 6.36 5.16
CA GLU A 126 16.65 5.40 6.18
C GLU A 126 15.43 4.94 7.00
N SER A 127 15.52 3.68 7.40
CA SER A 127 14.46 3.06 8.17
C SER A 127 13.93 4.02 9.22
N ARG A 128 14.82 4.59 10.04
CA ARG A 128 14.36 5.39 11.16
C ARG A 128 13.51 6.58 10.76
N GLN A 129 13.83 7.17 9.60
N GLN A 129 13.80 7.20 9.60
CA GLN A 129 13.07 8.28 9.07
CA GLN A 129 13.02 8.34 9.18
C GLN A 129 11.61 7.88 8.89
C GLN A 129 11.58 7.89 8.88
N ALA A 130 11.42 6.71 8.26
CA ALA A 130 10.09 6.19 7.98
C ALA A 130 9.39 5.73 9.27
N GLN A 131 10.15 5.09 10.17
CA GLN A 131 9.60 4.70 11.47
C GLN A 131 8.97 5.90 12.16
N ASP A 132 9.69 7.05 12.15
CA ASP A 132 9.23 8.26 12.78
C ASP A 132 7.96 8.84 12.15
N LEU A 133 7.89 8.81 10.82
CA LEU A 133 6.69 9.25 10.13
C LEU A 133 5.50 8.37 10.56
N ALA A 134 5.69 7.04 10.45
CA ALA A 134 4.63 6.12 10.84
C ALA A 134 4.19 6.35 12.29
N ARG A 135 5.14 6.50 13.20
CA ARG A 135 4.83 6.75 14.61
C ARG A 135 3.93 7.97 14.74
N SER A 136 4.19 8.99 13.94
CA SER A 136 3.46 10.23 14.05
C SER A 136 2.02 10.03 13.61
N TYR A 137 1.79 9.03 12.73
CA TYR A 137 0.46 8.73 12.27
C TYR A 137 -0.19 7.64 13.12
N GLY A 138 0.55 7.04 14.07
CA GLY A 138 0.03 5.94 14.87
C GLY A 138 -0.18 4.65 14.10
N ILE A 139 0.74 4.38 13.16
CA ILE A 139 0.64 3.18 12.32
C ILE A 139 2.01 2.49 12.26
N PRO A 140 2.03 1.23 11.82
CA PRO A 140 3.30 0.53 11.61
C PRO A 140 3.98 0.96 10.32
N TYR A 141 5.31 0.80 10.30
CA TYR A 141 6.15 0.84 9.11
C TYR A 141 6.74 -0.53 8.82
N ILE A 142 6.63 -0.95 7.57
CA ILE A 142 7.12 -2.23 7.10
C ILE A 142 7.88 -2.02 5.81
N GLU A 143 9.06 -2.62 5.71
CA GLU A 143 9.75 -2.67 4.42
C GLU A 143 9.45 -3.94 3.64
N THR A 144 9.39 -3.74 2.31
CA THR A 144 9.01 -4.80 1.39
C THR A 144 9.95 -4.84 0.19
N SER A 145 10.00 -6.02 -0.43
CA SER A 145 10.47 -6.14 -1.81
C SER A 145 9.49 -6.99 -2.60
N ALA A 146 8.82 -6.38 -3.60
CA ALA A 146 8.01 -7.14 -4.54
C ALA A 146 8.85 -8.14 -5.33
N LYS A 147 10.17 -7.90 -5.41
CA LYS A 147 11.04 -8.76 -6.19
C LYS A 147 11.39 -10.04 -5.43
N THR A 148 11.75 -9.92 -4.15
CA THR A 148 12.18 -11.09 -3.40
C THR A 148 11.08 -11.72 -2.54
N ARG A 149 9.95 -11.01 -2.42
CA ARG A 149 8.81 -11.31 -1.53
C ARG A 149 8.99 -10.86 -0.09
N GLN A 150 10.17 -10.35 0.27
CA GLN A 150 10.38 -9.86 1.62
C GLN A 150 9.24 -8.92 2.03
N GLY A 151 8.61 -9.25 3.17
CA GLY A 151 7.64 -8.34 3.78
C GLY A 151 6.29 -8.28 3.08
N VAL A 152 6.09 -8.93 1.93
CA VAL A 152 4.93 -8.63 1.12
C VAL A 152 3.65 -9.10 1.79
N GLU A 153 3.60 -10.38 2.18
CA GLU A 153 2.44 -10.88 2.89
C GLU A 153 2.25 -10.13 4.20
N ASP A 154 3.33 -9.89 4.94
CA ASP A 154 3.31 -9.16 6.18
CA ASP A 154 3.19 -9.21 6.19
C ASP A 154 2.62 -7.80 6.00
N ALA A 155 3.00 -7.08 4.95
CA ALA A 155 2.48 -5.71 4.77
C ALA A 155 0.96 -5.73 4.58
N PHE A 156 0.46 -6.55 3.69
CA PHE A 156 -0.96 -6.65 3.43
C PHE A 156 -1.73 -7.23 4.63
N TYR A 157 -1.23 -8.29 5.25
CA TYR A 157 -1.93 -8.83 6.39
C TYR A 157 -1.86 -7.89 7.60
N THR A 158 -0.80 -7.12 7.73
CA THR A 158 -0.76 -6.09 8.78
C THR A 158 -1.88 -5.07 8.54
N LEU A 159 -2.15 -4.69 7.27
CA LEU A 159 -3.21 -3.71 7.03
C LEU A 159 -4.58 -4.30 7.42
N VAL A 160 -4.82 -5.56 7.13
CA VAL A 160 -6.02 -6.25 7.60
C VAL A 160 -6.10 -6.18 9.12
N ARG A 161 -4.98 -6.40 9.81
CA ARG A 161 -4.93 -6.34 11.27
C ARG A 161 -5.15 -4.91 11.77
N GLU A 162 -4.80 -3.88 10.99
CA GLU A 162 -5.11 -2.52 11.39
C GLU A 162 -6.61 -2.24 11.22
N ILE A 163 -7.18 -2.70 10.14
CA ILE A 163 -8.63 -2.53 9.92
C ILE A 163 -9.38 -3.17 11.09
N ARG A 164 -8.89 -4.32 11.57
CA ARG A 164 -9.54 -5.02 12.68
C ARG A 164 -9.43 -4.26 13.99
N GLN A 165 -8.53 -3.28 14.07
CA GLN A 165 -8.37 -2.48 15.26
C GLN A 165 -9.30 -1.26 15.25
N HIS A 166 -9.93 -0.94 14.10
CA HIS A 166 -10.69 0.30 13.96
C HIS A 166 -11.99 0.26 14.77
C1 PEG B . 1.83 14.39 -5.06
O1 PEG B . 2.52 15.38 -4.38
C2 PEG B . 1.13 13.46 -4.12
O2 PEG B . -0.19 13.92 -3.89
C3 PEG B . -1.12 12.90 -3.62
C4 PEG B . -2.46 13.47 -3.47
O4 PEG B . -3.00 13.91 -4.69
C ACT C . 6.69 -15.67 1.54
O ACT C . 7.12 -16.17 0.47
OXT ACT C . 5.67 -14.96 1.60
CH3 ACT C . 7.47 -15.89 2.83
C1 PEG D . 12.74 -13.92 1.42
O1 PEG D . 13.59 -12.77 1.34
C2 PEG D . 11.28 -13.62 1.15
O2 PEG D . 10.45 -14.11 2.20
C3 PEG D . 10.60 -13.41 3.45
C4 PEG D . 9.27 -12.99 4.02
O4 PEG D . 9.32 -11.68 4.66
C ACT E . 16.06 -4.31 -10.61
O ACT E . 15.58 -5.36 -10.23
OXT ACT E . 17.25 -4.16 -10.93
CH3 ACT E . 15.10 -3.14 -10.74
C ACT F . -20.79 6.65 -0.57
O ACT F . -20.50 7.20 0.52
OXT ACT F . -20.64 7.19 -1.69
CH3 ACT F . -21.43 5.29 -0.50
PB GDP G . 3.55 1.51 -9.47
O1B GDP G . 3.73 2.01 -8.07
O2B GDP G . 3.43 2.63 -10.45
O3B GDP G . 2.42 0.49 -9.60
O3A GDP G . 4.92 0.79 -9.87
PA GDP G . 5.13 -0.71 -10.44
O1A GDP G . 4.61 -1.73 -9.49
O2A GDP G . 4.68 -0.75 -11.88
O5' GDP G . 6.72 -0.77 -10.37
C5' GDP G . 7.54 0.21 -11.07
C4' GDP G . 8.86 -0.42 -11.42
O4' GDP G . 9.56 -0.72 -10.19
C3' GDP G . 8.81 -1.72 -12.22
O3' GDP G . 9.89 -1.69 -13.17
C2' GDP G . 9.05 -2.80 -11.16
O2' GDP G . 9.70 -3.95 -11.61
C1' GDP G . 9.95 -2.07 -10.16
N9 GDP G . 9.83 -2.58 -8.80
C8 GDP G . 8.67 -2.60 -8.07
N7 GDP G . 8.81 -3.12 -6.87
C5 GDP G . 10.16 -3.43 -6.82
C6 GDP G . 10.91 -3.99 -5.77
O6 GDP G . 10.55 -4.36 -4.65
N1 GDP G . 12.25 -4.17 -6.12
C2 GDP G . 12.76 -3.88 -7.36
N2 GDP G . 14.06 -4.15 -7.52
N3 GDP G . 12.09 -3.30 -8.34
C4 GDP G . 10.79 -3.12 -8.01
BE BEF H . 2.03 3.42 -11.05
F1 BEF H . 0.95 2.32 -11.43
F2 BEF H . 1.50 4.43 -9.98
F3 BEF H . 2.47 4.17 -12.43
MG MG I . 0.84 0.43 -10.88
S SO4 J . -14.64 6.95 11.19
O1 SO4 J . -14.08 6.64 12.48
O2 SO4 J . -13.76 6.47 10.16
O3 SO4 J . -15.92 6.31 11.08
O4 SO4 J . -14.80 8.38 11.08
S SO4 K . 4.18 18.82 1.97
O1 SO4 K . 4.47 19.37 3.24
O2 SO4 K . 3.72 17.46 2.13
O3 SO4 K . 5.35 18.83 1.10
O4 SO4 K . 3.16 19.60 1.33
S SO4 L . -2.39 13.53 10.83
O1 SO4 L . -1.08 13.87 11.30
O2 SO4 L . -2.98 12.58 11.74
O3 SO4 L . -3.19 14.72 10.78
O4 SO4 L . -2.29 12.93 9.51
#